data_1JRA
#
_entry.id   1JRA
#
_cell.length_a   53.630
_cell.length_b   66.810
_cell.length_c   60.380
_cell.angle_alpha   90.00
_cell.angle_beta   91.44
_cell.angle_gamma   90.00
#
_symmetry.space_group_name_H-M   'P 1 21 1'
#
loop_
_entity.id
_entity.type
_entity.pdbx_description
1 polymer 'ERV2 PROTEIN, MITOCHONDRIAL'
2 non-polymer 'FLAVIN-ADENINE DINUCLEOTIDE'
3 water water
#
_entity_poly.entity_id   1
_entity_poly.type   'polypeptide(L)'
_entity_poly.pdbx_seq_one_letter_code
;LMGDDKVKKEVGRASWKYFHTLLARFPDEPTPEEREKLHTFIGLYAELYPCGECSYHFVKLIEKYPVQTSSRTAAAMWGC
HIHNKVNEYLKKDIYDCATILEDYDCGCSDSDGKRVS
;
_entity_poly.pdbx_strand_id   A,B,C,D
#
loop_
_chem_comp.id
_chem_comp.type
_chem_comp.name
_chem_comp.formula
FAD non-polymer 'FLAVIN-ADENINE DINUCLEOTIDE' 'C27 H33 N9 O15 P2'
#
# COMPACT_ATOMS: atom_id res chain seq x y z
N ASP A 4 -16.14 3.24 8.67
CA ASP A 4 -17.07 2.77 7.58
C ASP A 4 -16.64 3.38 6.26
N ASP A 5 -16.50 4.70 6.24
CA ASP A 5 -16.08 5.40 5.04
C ASP A 5 -14.61 5.15 4.76
N LYS A 6 -13.83 4.88 5.80
CA LYS A 6 -12.42 4.60 5.65
C LYS A 6 -12.22 3.27 4.92
N VAL A 7 -13.14 2.34 5.16
CA VAL A 7 -13.05 1.03 4.52
C VAL A 7 -13.33 1.17 3.02
N LYS A 8 -14.36 1.95 2.70
CA LYS A 8 -14.73 2.17 1.31
C LYS A 8 -13.57 2.81 0.56
N LYS A 9 -12.88 3.74 1.20
CA LYS A 9 -11.75 4.41 0.58
C LYS A 9 -10.60 3.43 0.38
N GLU A 10 -10.38 2.54 1.35
CA GLU A 10 -9.31 1.55 1.21
C GLU A 10 -9.64 0.59 0.08
N VAL A 11 -10.89 0.17 -0.01
CA VAL A 11 -11.31 -0.74 -1.06
C VAL A 11 -11.15 -0.04 -2.41
N GLY A 12 -11.48 1.25 -2.43
CA GLY A 12 -11.35 2.02 -3.65
C GLY A 12 -9.92 2.13 -4.13
N ARG A 13 -9.00 2.45 -3.21
CA ARG A 13 -7.60 2.58 -3.59
C ARG A 13 -7.07 1.25 -4.14
N ALA A 14 -7.45 0.15 -3.50
CA ALA A 14 -6.99 -1.17 -3.94
C ALA A 14 -7.52 -1.49 -5.33
N SER A 15 -8.79 -1.16 -5.57
CA SER A 15 -9.43 -1.42 -6.86
C SER A 15 -8.77 -0.64 -7.99
N TRP A 16 -8.49 0.65 -7.77
CA TRP A 16 -7.85 1.46 -8.80
C TRP A 16 -6.45 0.95 -9.11
N LYS A 17 -5.72 0.55 -8.09
CA LYS A 17 -4.36 0.03 -8.29
C LYS A 17 -4.42 -1.18 -9.23
N TYR A 18 -5.33 -2.10 -8.96
CA TYR A 18 -5.53 -3.31 -9.78
C TYR A 18 -6.00 -2.93 -11.19
N PHE A 19 -7.01 -2.07 -11.25
CA PHE A 19 -7.62 -1.59 -12.48
C PHE A 19 -6.60 -0.98 -13.46
N HIS A 20 -5.87 0.02 -13.00
CA HIS A 20 -4.88 0.67 -13.84
C HIS A 20 -3.74 -0.26 -14.28
N THR A 21 -3.35 -1.18 -13.41
CA THR A 21 -2.28 -2.10 -13.75
C THR A 21 -2.77 -3.06 -14.83
N LEU A 22 -4.01 -3.51 -14.69
CA LEU A 22 -4.60 -4.41 -15.67
C LEU A 22 -4.62 -3.77 -17.06
N LEU A 23 -5.04 -2.51 -17.12
CA LEU A 23 -5.11 -1.80 -18.38
C LEU A 23 -3.71 -1.59 -18.97
N ALA A 24 -2.74 -1.31 -18.11
CA ALA A 24 -1.36 -1.09 -18.54
C ALA A 24 -0.65 -2.37 -18.97
N ARG A 25 -1.28 -3.53 -18.75
CA ARG A 25 -0.69 -4.81 -19.13
C ARG A 25 -1.38 -5.42 -20.34
N PHE A 26 -2.42 -4.75 -20.82
CA PHE A 26 -3.17 -5.20 -21.98
C PHE A 26 -2.21 -5.16 -23.19
N PRO A 27 -2.40 -6.04 -24.19
CA PRO A 27 -1.50 -6.03 -25.35
C PRO A 27 -1.47 -4.74 -26.18
N ASP A 28 -0.34 -4.47 -26.80
CA ASP A 28 -0.22 -3.29 -27.66
C ASP A 28 -0.99 -3.59 -28.93
N GLU A 29 -0.96 -4.85 -29.36
CA GLU A 29 -1.69 -5.30 -30.55
C GLU A 29 -2.66 -6.41 -30.15
N PRO A 30 -3.80 -6.05 -29.54
CA PRO A 30 -4.76 -7.07 -29.13
C PRO A 30 -5.52 -7.66 -30.31
N THR A 31 -5.93 -8.91 -30.17
CA THR A 31 -6.71 -9.57 -31.23
C THR A 31 -8.13 -9.10 -31.03
N PRO A 32 -9.00 -9.36 -32.02
CA PRO A 32 -10.39 -8.94 -31.88
C PRO A 32 -11.03 -9.54 -30.62
N GLU A 33 -10.70 -10.80 -30.35
CA GLU A 33 -11.24 -11.49 -29.18
C GLU A 33 -10.79 -10.87 -27.86
N GLU A 34 -9.53 -10.48 -27.78
CA GLU A 34 -9.01 -9.86 -26.56
C GLU A 34 -9.68 -8.51 -26.35
N ARG A 35 -9.94 -7.80 -27.46
CA ARG A 35 -10.60 -6.51 -27.36
C ARG A 35 -12.00 -6.68 -26.79
N GLU A 36 -12.72 -7.71 -27.24
CA GLU A 36 -14.08 -7.93 -26.76
C GLU A 36 -14.10 -8.42 -25.31
N LYS A 37 -13.08 -9.18 -24.92
CA LYS A 37 -13.00 -9.66 -23.55
C LYS A 37 -12.82 -8.47 -22.61
N LEU A 38 -12.01 -7.50 -23.02
CA LEU A 38 -11.78 -6.31 -22.20
C LEU A 38 -13.07 -5.49 -22.10
N HIS A 39 -13.77 -5.36 -23.22
CA HIS A 39 -15.03 -4.62 -23.22
C HIS A 39 -16.00 -5.28 -22.24
N THR A 40 -16.14 -6.59 -22.35
CA THR A 40 -17.03 -7.35 -21.47
C THR A 40 -16.59 -7.27 -20.02
N PHE A 41 -15.29 -7.40 -19.78
CA PHE A 41 -14.76 -7.34 -18.42
C PHE A 41 -15.13 -6.02 -17.75
N ILE A 42 -14.86 -4.92 -18.44
CA ILE A 42 -15.16 -3.60 -17.89
C ILE A 42 -16.63 -3.46 -17.54
N GLY A 43 -17.51 -4.06 -18.34
CA GLY A 43 -18.93 -3.99 -18.06
C GLY A 43 -19.27 -4.68 -16.75
N LEU A 44 -18.69 -5.85 -16.54
CA LEU A 44 -18.93 -6.62 -15.32
C LEU A 44 -18.24 -5.96 -14.12
N TYR A 45 -17.05 -5.42 -14.36
CA TYR A 45 -16.30 -4.74 -13.31
C TYR A 45 -17.16 -3.60 -12.74
N ALA A 46 -17.78 -2.82 -13.62
CA ALA A 46 -18.61 -1.70 -13.18
C ALA A 46 -19.83 -2.22 -12.44
N GLU A 47 -20.49 -3.17 -13.08
CA GLU A 47 -21.70 -3.80 -12.57
C GLU A 47 -21.50 -4.46 -11.19
N LEU A 48 -20.35 -5.11 -11.00
CA LEU A 48 -20.05 -5.80 -9.75
C LEU A 48 -19.25 -5.04 -8.69
N TYR A 49 -18.99 -3.75 -8.91
CA TYR A 49 -18.21 -3.00 -7.92
C TYR A 49 -18.90 -3.01 -6.54
N PRO A 50 -18.13 -3.29 -5.46
CA PRO A 50 -18.53 -3.37 -4.05
C PRO A 50 -19.06 -2.11 -3.35
N CYS A 51 -20.07 -1.48 -3.94
CA CYS A 51 -20.68 -0.27 -3.38
C CYS A 51 -21.78 0.13 -4.36
N GLY A 52 -23.03 0.05 -3.89
CA GLY A 52 -24.18 0.37 -4.72
C GLY A 52 -24.16 1.69 -5.47
N GLU A 53 -23.95 2.78 -4.75
CA GLU A 53 -23.89 4.10 -5.36
C GLU A 53 -22.72 4.22 -6.33
N CYS A 54 -21.57 3.70 -5.93
CA CYS A 54 -20.38 3.75 -6.77
C CYS A 54 -20.64 3.03 -8.10
N SER A 55 -21.16 1.82 -8.00
CA SER A 55 -21.45 0.99 -9.16
C SER A 55 -22.44 1.68 -10.07
N TYR A 56 -23.50 2.22 -9.48
CA TYR A 56 -24.53 2.90 -10.26
C TYR A 56 -23.92 3.99 -11.13
N HIS A 57 -23.12 4.85 -10.51
CA HIS A 57 -22.49 5.94 -11.23
C HIS A 57 -21.44 5.46 -12.22
N PHE A 58 -20.67 4.45 -11.84
CA PHE A 58 -19.61 3.95 -12.71
C PHE A 58 -20.17 3.28 -13.96
N VAL A 59 -21.28 2.57 -13.82
CA VAL A 59 -21.90 1.92 -14.96
C VAL A 59 -22.30 3.01 -15.97
N LYS A 60 -22.92 4.07 -15.47
CA LYS A 60 -23.33 5.17 -16.33
C LYS A 60 -22.12 5.75 -17.07
N LEU A 61 -21.02 5.91 -16.35
CA LEU A 61 -19.79 6.44 -16.94
C LEU A 61 -19.22 5.57 -18.06
N ILE A 62 -19.11 4.26 -17.83
CA ILE A 62 -18.54 3.41 -18.87
C ILE A 62 -19.45 3.31 -20.09
N GLU A 63 -20.73 3.63 -19.91
CA GLU A 63 -21.66 3.60 -21.03
C GLU A 63 -21.49 4.92 -21.77
N LYS A 64 -21.29 6.00 -21.02
CA LYS A 64 -21.08 7.31 -21.61
C LYS A 64 -19.70 7.38 -22.27
N TYR A 65 -18.74 6.72 -21.67
CA TYR A 65 -17.39 6.69 -22.21
C TYR A 65 -16.92 5.24 -22.33
N PRO A 66 -17.38 4.52 -23.36
CA PRO A 66 -16.99 3.13 -23.54
C PRO A 66 -15.48 2.91 -23.60
N VAL A 67 -15.03 1.80 -23.03
CA VAL A 67 -13.60 1.50 -23.00
C VAL A 67 -12.96 1.44 -24.38
N GLN A 68 -11.79 2.06 -24.50
CA GLN A 68 -11.02 2.08 -25.74
C GLN A 68 -10.10 0.87 -25.66
N THR A 69 -10.34 -0.12 -26.52
CA THR A 69 -9.60 -1.37 -26.52
C THR A 69 -8.60 -1.62 -27.66
N SER A 70 -8.43 -0.66 -28.57
CA SER A 70 -7.53 -0.88 -29.70
C SER A 70 -6.09 -1.21 -29.33
N SER A 71 -5.66 -0.78 -28.14
CA SER A 71 -4.31 -1.05 -27.71
C SER A 71 -4.13 -0.79 -26.22
N ARG A 72 -2.98 -1.21 -25.71
CA ARG A 72 -2.62 -1.00 -24.32
C ARG A 72 -2.73 0.48 -23.98
N THR A 73 -2.11 1.32 -24.79
CA THR A 73 -2.10 2.77 -24.58
C THR A 73 -3.50 3.38 -24.58
N ALA A 74 -4.33 2.99 -25.54
CA ALA A 74 -5.70 3.52 -25.61
C ALA A 74 -6.47 3.11 -24.36
N ALA A 75 -6.33 1.85 -23.97
CA ALA A 75 -7.01 1.32 -22.78
C ALA A 75 -6.51 2.00 -21.52
N ALA A 76 -5.20 2.14 -21.38
CA ALA A 76 -4.63 2.79 -20.21
C ALA A 76 -5.04 4.26 -20.14
N MET A 77 -5.03 4.94 -21.29
CA MET A 77 -5.42 6.35 -21.33
C MET A 77 -6.88 6.49 -20.93
N TRP A 78 -7.71 5.57 -21.43
CA TRP A 78 -9.14 5.56 -21.11
C TRP A 78 -9.34 5.38 -19.61
N GLY A 79 -8.54 4.50 -19.02
CA GLY A 79 -8.65 4.24 -17.59
C GLY A 79 -8.35 5.48 -16.77
N CYS A 80 -7.35 6.24 -17.20
CA CYS A 80 -6.97 7.44 -16.48
C CYS A 80 -8.07 8.50 -16.58
N HIS A 81 -8.62 8.67 -17.78
CA HIS A 81 -9.69 9.65 -17.98
C HIS A 81 -10.94 9.27 -17.18
N ILE A 82 -11.26 7.98 -17.17
CA ILE A 82 -12.44 7.47 -16.46
C ILE A 82 -12.26 7.68 -14.95
N HIS A 83 -11.05 7.46 -14.45
CA HIS A 83 -10.79 7.65 -13.03
C HIS A 83 -10.92 9.16 -12.74
N ASN A 84 -10.45 10.00 -13.65
CA ASN A 84 -10.57 11.44 -13.46
C ASN A 84 -12.03 11.87 -13.46
N LYS A 85 -12.89 11.13 -14.16
CA LYS A 85 -14.30 11.45 -14.16
C LYS A 85 -14.85 11.19 -12.76
N VAL A 86 -14.34 10.14 -12.12
CA VAL A 86 -14.78 9.83 -10.76
C VAL A 86 -14.20 10.88 -9.82
N ASN A 87 -12.96 11.29 -10.07
CA ASN A 87 -12.32 12.30 -9.24
C ASN A 87 -13.12 13.60 -9.31
N GLU A 88 -13.46 14.02 -10.52
CA GLU A 88 -14.23 15.23 -10.73
C GLU A 88 -15.55 15.13 -9.97
N TYR A 89 -16.17 13.95 -10.07
CA TYR A 89 -17.44 13.69 -9.41
C TYR A 89 -17.35 13.88 -7.89
N LEU A 90 -16.27 13.37 -7.30
CA LEU A 90 -16.08 13.47 -5.86
C LEU A 90 -15.37 14.77 -5.49
N LYS A 91 -15.21 15.64 -6.48
CA LYS A 91 -14.57 16.94 -6.29
C LYS A 91 -13.11 16.79 -5.82
N LYS A 92 -12.42 15.82 -6.40
CA LYS A 92 -11.02 15.56 -6.08
C LYS A 92 -10.18 16.12 -7.22
N ASP A 93 -8.90 16.35 -6.99
CA ASP A 93 -8.03 16.92 -8.02
C ASP A 93 -7.86 15.99 -9.22
N ILE A 94 -7.58 16.59 -10.37
CA ILE A 94 -7.39 15.85 -11.60
C ILE A 94 -5.98 15.26 -11.61
N TYR A 95 -5.85 14.05 -12.15
CA TYR A 95 -4.57 13.37 -12.23
C TYR A 95 -4.02 13.47 -13.65
N ASP A 96 -2.75 13.86 -13.77
CA ASP A 96 -2.12 14.02 -15.07
C ASP A 96 -1.86 12.62 -15.64
N CYS A 97 -2.37 12.37 -16.84
CA CYS A 97 -2.23 11.06 -17.49
C CYS A 97 -1.01 10.93 -18.40
N ALA A 98 -0.10 11.90 -18.34
CA ALA A 98 1.08 11.90 -19.21
C ALA A 98 2.01 10.68 -19.11
N THR A 99 2.00 10.00 -17.97
CA THR A 99 2.85 8.81 -17.80
C THR A 99 2.06 7.64 -17.23
N ILE A 100 0.79 7.54 -17.64
CA ILE A 100 -0.12 6.51 -17.17
C ILE A 100 0.40 5.07 -17.27
N LEU A 101 1.11 4.74 -18.33
CA LEU A 101 1.64 3.40 -18.49
C LEU A 101 2.77 3.13 -17.50
N GLU A 102 3.69 4.08 -17.41
CA GLU A 102 4.84 3.97 -16.50
C GLU A 102 4.38 3.94 -15.04
N ASP A 103 3.43 4.80 -14.70
CA ASP A 103 2.91 4.88 -13.34
C ASP A 103 2.41 3.54 -12.82
N TYR A 104 1.97 2.67 -13.73
CA TYR A 104 1.45 1.38 -13.32
C TYR A 104 2.18 0.17 -13.86
N ASP A 105 3.50 0.28 -13.89
CA ASP A 105 4.38 -0.81 -14.30
C ASP A 105 3.96 -1.60 -15.52
N CYS A 106 3.82 -0.91 -16.64
CA CYS A 106 3.43 -1.53 -17.90
C CYS A 106 4.51 -2.50 -18.38
N GLY A 107 5.74 -2.31 -17.91
CA GLY A 107 6.83 -3.15 -18.34
C GLY A 107 6.85 -3.03 -19.86
N CYS A 108 6.78 -1.79 -20.34
CA CYS A 108 6.72 -1.51 -21.76
C CYS A 108 7.60 -0.35 -22.23
N SER A 109 8.36 0.26 -21.32
CA SER A 109 9.21 1.39 -21.67
C SER A 109 10.42 0.98 -22.52
N ASP B 4 9.22 -6.07 -10.97
CA ASP B 4 9.93 -7.29 -10.49
C ASP B 4 9.06 -7.96 -9.42
N ASP B 5 9.70 -8.62 -8.46
CA ASP B 5 8.96 -9.29 -7.39
C ASP B 5 8.12 -8.27 -6.64
N LYS B 6 8.66 -7.07 -6.48
CA LYS B 6 7.98 -5.99 -5.78
C LYS B 6 6.62 -5.68 -6.39
N VAL B 7 6.61 -5.36 -7.67
CA VAL B 7 5.38 -5.03 -8.39
C VAL B 7 4.34 -6.11 -8.22
N LYS B 8 4.76 -7.36 -8.47
CA LYS B 8 3.86 -8.50 -8.37
C LYS B 8 3.21 -8.57 -6.99
N LYS B 9 3.98 -8.27 -5.95
CA LYS B 9 3.48 -8.31 -4.59
C LYS B 9 2.50 -7.18 -4.28
N GLU B 10 2.85 -5.98 -4.72
CA GLU B 10 2.00 -4.81 -4.45
C GLU B 10 0.69 -4.90 -5.20
N VAL B 11 0.75 -5.31 -6.45
CA VAL B 11 -0.46 -5.47 -7.26
C VAL B 11 -1.32 -6.61 -6.70
N GLY B 12 -0.68 -7.72 -6.35
CA GLY B 12 -1.41 -8.86 -5.80
C GLY B 12 -2.20 -8.52 -4.56
N ARG B 13 -1.58 -7.81 -3.61
CA ARG B 13 -2.26 -7.42 -2.37
C ARG B 13 -3.50 -6.59 -2.65
N ALA B 14 -3.37 -5.60 -3.53
CA ALA B 14 -4.49 -4.72 -3.87
C ALA B 14 -5.59 -5.53 -4.55
N SER B 15 -5.21 -6.40 -5.48
CA SER B 15 -6.16 -7.22 -6.20
C SER B 15 -6.96 -8.13 -5.27
N TRP B 16 -6.29 -8.79 -4.33
CA TRP B 16 -6.97 -9.68 -3.39
C TRP B 16 -7.97 -8.91 -2.55
N LYS B 17 -7.58 -7.71 -2.11
CA LYS B 17 -8.44 -6.88 -1.30
C LYS B 17 -9.76 -6.60 -2.05
N TYR B 18 -9.63 -6.18 -3.30
CA TYR B 18 -10.79 -5.90 -4.14
C TYR B 18 -11.57 -7.20 -4.41
N PHE B 19 -10.83 -8.24 -4.78
CA PHE B 19 -11.37 -9.58 -5.08
C PHE B 19 -12.31 -10.10 -3.99
N HIS B 20 -11.79 -10.21 -2.76
CA HIS B 20 -12.59 -10.73 -1.65
C HIS B 20 -13.74 -9.82 -1.23
N THR B 21 -13.58 -8.51 -1.42
CA THR B 21 -14.66 -7.60 -1.05
C THR B 21 -15.79 -7.74 -2.06
N LEU B 22 -15.43 -7.89 -3.33
CA LEU B 22 -16.40 -8.06 -4.40
C LEU B 22 -17.25 -9.31 -4.13
N LEU B 23 -16.60 -10.42 -3.79
CA LEU B 23 -17.31 -11.65 -3.52
C LEU B 23 -18.23 -11.55 -2.31
N ALA B 24 -17.77 -10.85 -1.28
CA ALA B 24 -18.55 -10.68 -0.05
C ALA B 24 -19.84 -9.91 -0.29
N ARG B 25 -19.95 -9.26 -1.45
CA ARG B 25 -21.15 -8.50 -1.77
C ARG B 25 -22.09 -9.26 -2.68
N PHE B 26 -21.66 -10.42 -3.17
CA PHE B 26 -22.51 -11.23 -4.04
C PHE B 26 -23.77 -11.57 -3.23
N PRO B 27 -24.95 -11.55 -3.87
CA PRO B 27 -26.21 -11.85 -3.16
C PRO B 27 -26.34 -13.23 -2.52
N ASP B 28 -27.22 -13.33 -1.55
CA ASP B 28 -27.47 -14.58 -0.85
C ASP B 28 -28.31 -15.51 -1.71
N GLU B 29 -29.14 -14.93 -2.57
CA GLU B 29 -30.04 -15.67 -3.45
C GLU B 29 -29.84 -15.24 -4.90
N PRO B 30 -28.62 -15.39 -5.43
CA PRO B 30 -28.38 -14.97 -6.82
C PRO B 30 -29.35 -15.57 -7.84
N THR B 31 -29.67 -14.79 -8.87
CA THR B 31 -30.54 -15.26 -9.92
C THR B 31 -29.65 -16.02 -10.89
N PRO B 32 -30.24 -16.83 -11.78
CA PRO B 32 -29.43 -17.58 -12.74
C PRO B 32 -28.49 -16.64 -13.51
N GLU B 33 -28.99 -15.43 -13.81
CA GLU B 33 -28.20 -14.46 -14.55
C GLU B 33 -27.00 -13.96 -13.73
N GLU B 34 -27.23 -13.70 -12.44
CA GLU B 34 -26.16 -13.22 -11.58
C GLU B 34 -25.11 -14.30 -11.41
N ARG B 35 -25.56 -15.55 -11.29
CA ARG B 35 -24.62 -16.65 -11.16
C ARG B 35 -23.81 -16.74 -12.46
N GLU B 36 -24.48 -16.47 -13.57
CA GLU B 36 -23.82 -16.51 -14.87
C GLU B 36 -22.78 -15.40 -14.97
N LYS B 37 -23.15 -14.20 -14.51
CA LYS B 37 -22.25 -13.06 -14.56
C LYS B 37 -21.01 -13.24 -13.69
N LEU B 38 -21.19 -13.73 -12.47
CA LEU B 38 -20.04 -13.93 -11.61
C LEU B 38 -19.12 -14.95 -12.26
N HIS B 39 -19.70 -15.99 -12.86
CA HIS B 39 -18.90 -17.01 -13.55
C HIS B 39 -18.06 -16.37 -14.67
N THR B 40 -18.71 -15.57 -15.49
CA THR B 40 -17.99 -14.92 -16.59
C THR B 40 -16.96 -13.91 -16.09
N PHE B 41 -17.27 -13.21 -15.00
CA PHE B 41 -16.34 -12.23 -14.44
C PHE B 41 -15.06 -12.92 -14.00
N ILE B 42 -15.22 -14.02 -13.28
CA ILE B 42 -14.08 -14.78 -12.78
C ILE B 42 -13.18 -15.27 -13.91
N GLY B 43 -13.80 -15.75 -14.99
CA GLY B 43 -13.01 -16.22 -16.11
C GLY B 43 -12.19 -15.10 -16.72
N LEU B 44 -12.81 -13.92 -16.85
CA LEU B 44 -12.13 -12.75 -17.41
C LEU B 44 -11.10 -12.21 -16.42
N TYR B 45 -11.45 -12.25 -15.13
CA TYR B 45 -10.56 -11.78 -14.08
C TYR B 45 -9.26 -12.57 -14.19
N ALA B 46 -9.38 -13.88 -14.31
CA ALA B 46 -8.21 -14.76 -14.42
C ALA B 46 -7.42 -14.54 -15.71
N GLU B 47 -8.13 -14.49 -16.82
CA GLU B 47 -7.49 -14.32 -18.11
C GLU B 47 -6.79 -12.97 -18.29
N LEU B 48 -7.35 -11.91 -17.71
CA LEU B 48 -6.80 -10.57 -17.83
C LEU B 48 -5.88 -10.14 -16.69
N TYR B 49 -5.66 -11.00 -15.72
CA TYR B 49 -4.81 -10.63 -14.57
C TYR B 49 -3.44 -10.15 -15.04
N PRO B 50 -3.01 -8.96 -14.56
CA PRO B 50 -1.75 -8.25 -14.85
C PRO B 50 -0.43 -8.88 -14.43
N CYS B 51 -0.25 -10.17 -14.72
CA CYS B 51 1.00 -10.87 -14.42
C CYS B 51 0.98 -12.21 -15.15
N GLY B 52 1.92 -12.37 -16.07
CA GLY B 52 2.00 -13.57 -16.89
C GLY B 52 1.85 -14.92 -16.21
N GLU B 53 2.80 -15.27 -15.36
CA GLU B 53 2.76 -16.55 -14.65
C GLU B 53 1.54 -16.64 -13.76
N CYS B 54 1.17 -15.54 -13.12
CA CYS B 54 0.01 -15.53 -12.22
C CYS B 54 -1.26 -15.93 -12.98
N SER B 55 -1.49 -15.30 -14.12
CA SER B 55 -2.67 -15.60 -14.94
C SER B 55 -2.61 -17.05 -15.39
N TYR B 56 -1.43 -17.48 -15.83
CA TYR B 56 -1.23 -18.86 -16.28
C TYR B 56 -1.72 -19.85 -15.22
N HIS B 57 -1.25 -19.68 -13.99
CA HIS B 57 -1.62 -20.54 -12.88
C HIS B 57 -3.07 -20.36 -12.46
N PHE B 58 -3.52 -19.11 -12.41
CA PHE B 58 -4.88 -18.83 -11.97
C PHE B 58 -5.98 -19.29 -12.92
N VAL B 59 -5.71 -19.30 -14.22
CA VAL B 59 -6.71 -19.75 -15.18
C VAL B 59 -6.95 -21.25 -14.96
N LYS B 60 -5.87 -21.99 -14.75
CA LYS B 60 -5.98 -23.43 -14.51
C LYS B 60 -6.66 -23.73 -13.19
N LEU B 61 -6.40 -22.89 -12.18
CA LEU B 61 -7.02 -23.09 -10.87
C LEU B 61 -8.53 -22.90 -10.91
N ILE B 62 -9.01 -21.84 -11.54
CA ILE B 62 -10.46 -21.62 -11.57
C ILE B 62 -11.19 -22.66 -12.43
N GLU B 63 -10.49 -23.26 -13.39
CA GLU B 63 -11.11 -24.28 -14.22
C GLU B 63 -11.12 -25.59 -13.43
N LYS B 64 -10.09 -25.79 -12.61
CA LYS B 64 -9.99 -27.00 -11.79
C LYS B 64 -10.94 -26.92 -10.60
N TYR B 65 -11.15 -25.70 -10.09
CA TYR B 65 -12.05 -25.45 -8.97
C TYR B 65 -12.93 -24.27 -9.33
N PRO B 66 -13.96 -24.50 -10.17
CA PRO B 66 -14.89 -23.44 -10.61
C PRO B 66 -15.51 -22.64 -9.48
N VAL B 67 -15.76 -21.36 -9.72
CA VAL B 67 -16.36 -20.50 -8.70
C VAL B 67 -17.71 -21.03 -8.26
N GLN B 68 -17.93 -21.08 -6.95
CA GLN B 68 -19.19 -21.56 -6.39
C GLN B 68 -20.10 -20.34 -6.31
N THR B 69 -21.14 -20.32 -7.15
CA THR B 69 -22.05 -19.18 -7.22
C THR B 69 -23.46 -19.38 -6.66
N SER B 70 -23.70 -20.47 -5.94
CA SER B 70 -25.03 -20.71 -5.39
C SER B 70 -25.46 -19.65 -4.38
N SER B 71 -24.50 -18.99 -3.74
CA SER B 71 -24.83 -17.96 -2.76
C SER B 71 -23.63 -17.10 -2.38
N ARG B 72 -23.90 -16.06 -1.61
CA ARG B 72 -22.86 -15.14 -1.14
C ARG B 72 -21.81 -15.94 -0.38
N THR B 73 -22.25 -16.68 0.64
CA THR B 73 -21.36 -17.50 1.46
C THR B 73 -20.52 -18.45 0.61
N ALA B 74 -21.17 -19.17 -0.30
CA ALA B 74 -20.47 -20.11 -1.17
C ALA B 74 -19.41 -19.43 -2.02
N ALA B 75 -19.72 -18.23 -2.52
CA ALA B 75 -18.80 -17.48 -3.37
C ALA B 75 -17.61 -16.88 -2.60
N ALA B 76 -17.88 -16.21 -1.49
CA ALA B 76 -16.80 -15.63 -0.70
C ALA B 76 -15.91 -16.73 -0.13
N MET B 77 -16.52 -17.86 0.22
CA MET B 77 -15.78 -19.00 0.77
C MET B 77 -14.90 -19.56 -0.35
N TRP B 78 -15.46 -19.64 -1.56
CA TRP B 78 -14.69 -20.14 -2.70
C TRP B 78 -13.50 -19.22 -2.94
N GLY B 79 -13.70 -17.93 -2.72
CA GLY B 79 -12.63 -16.95 -2.90
C GLY B 79 -11.51 -17.20 -1.92
N CYS B 80 -11.87 -17.50 -0.67
CA CYS B 80 -10.88 -17.77 0.36
C CYS B 80 -10.12 -19.06 0.00
N HIS B 81 -10.87 -20.08 -0.43
CA HIS B 81 -10.27 -21.36 -0.81
C HIS B 81 -9.33 -21.22 -2.01
N ILE B 82 -9.75 -20.46 -3.02
CA ILE B 82 -8.95 -20.27 -4.22
C ILE B 82 -7.69 -19.46 -3.90
N HIS B 83 -7.81 -18.50 -3.00
CA HIS B 83 -6.65 -17.69 -2.61
C HIS B 83 -5.72 -18.60 -1.82
N ASN B 84 -6.28 -19.52 -1.04
CA ASN B 84 -5.42 -20.44 -0.29
C ASN B 84 -4.69 -21.41 -1.22
N LYS B 85 -5.24 -21.66 -2.40
CA LYS B 85 -4.59 -22.54 -3.36
C LYS B 85 -3.33 -21.82 -3.85
N VAL B 86 -3.44 -20.51 -4.05
CA VAL B 86 -2.29 -19.71 -4.48
C VAL B 86 -1.26 -19.70 -3.36
N ASN B 87 -1.73 -19.49 -2.12
CA ASN B 87 -0.84 -19.47 -0.96
C ASN B 87 -0.07 -20.78 -0.90
N GLU B 88 -0.81 -21.88 -1.02
CA GLU B 88 -0.22 -23.21 -0.98
C GLU B 88 0.88 -23.27 -2.03
N TYR B 89 0.55 -22.85 -3.24
CA TYR B 89 1.47 -22.86 -4.35
C TYR B 89 2.74 -22.04 -4.08
N LEU B 90 2.57 -20.87 -3.45
CA LEU B 90 3.71 -20.00 -3.15
C LEU B 90 4.34 -20.31 -1.80
N LYS B 91 3.92 -21.41 -1.17
CA LYS B 91 4.46 -21.82 0.12
C LYS B 91 4.19 -20.78 1.22
N LYS B 92 3.04 -20.11 1.13
CA LYS B 92 2.67 -19.10 2.11
C LYS B 92 1.69 -19.74 3.08
N ASP B 93 1.44 -19.09 4.21
CA ASP B 93 0.52 -19.64 5.20
C ASP B 93 -0.92 -19.72 4.70
N ILE B 94 -1.66 -20.70 5.20
CA ILE B 94 -3.06 -20.87 4.83
C ILE B 94 -3.89 -19.98 5.74
N TYR B 95 -4.77 -19.18 5.14
CA TYR B 95 -5.63 -18.23 5.83
C TYR B 95 -6.91 -18.88 6.38
N ASP B 96 -7.24 -18.57 7.63
CA ASP B 96 -8.45 -19.11 8.27
C ASP B 96 -9.67 -18.44 7.61
N CYS B 97 -10.51 -19.24 6.96
CA CYS B 97 -11.69 -18.71 6.26
C CYS B 97 -12.94 -18.53 7.13
N ALA B 98 -12.80 -18.72 8.44
CA ALA B 98 -13.94 -18.64 9.36
C ALA B 98 -14.70 -17.31 9.44
N THR B 99 -14.05 -16.21 9.07
CA THR B 99 -14.71 -14.91 9.11
C THR B 99 -14.52 -14.21 7.76
N ILE B 100 -14.54 -14.99 6.69
CA ILE B 100 -14.31 -14.45 5.35
C ILE B 100 -15.19 -13.25 4.94
N LEU B 101 -16.44 -13.23 5.36
CA LEU B 101 -17.30 -12.09 5.00
C LEU B 101 -16.94 -10.86 5.85
N GLU B 102 -16.85 -11.07 7.17
CA GLU B 102 -16.52 -9.98 8.09
C GLU B 102 -15.15 -9.36 7.79
N ASP B 103 -14.22 -10.17 7.30
CA ASP B 103 -12.88 -9.68 6.98
C ASP B 103 -12.88 -8.68 5.82
N TYR B 104 -13.90 -8.75 4.97
CA TYR B 104 -13.97 -7.87 3.83
C TYR B 104 -15.27 -7.10 3.65
N ASP B 105 -15.65 -6.33 4.67
CA ASP B 105 -16.86 -5.54 4.58
C ASP B 105 -16.64 -4.45 3.54
N CYS B 106 -17.67 -4.19 2.75
CA CYS B 106 -17.59 -3.19 1.68
C CYS B 106 -17.47 -1.77 2.21
N GLY B 107 -17.74 -1.57 3.49
CA GLY B 107 -17.70 -0.23 4.06
C GLY B 107 -18.69 0.64 3.29
N CYS B 108 -19.66 -0.02 2.67
CA CYS B 108 -20.67 0.67 1.87
C CYS B 108 -22.06 0.66 2.50
N SER B 109 -23.03 1.21 1.78
CA SER B 109 -24.40 1.26 2.28
C SER B 109 -25.09 -0.10 2.23
N ASP C 4 11.56 12.01 -8.52
CA ASP C 4 10.91 12.97 -9.45
C ASP C 4 9.50 13.33 -8.98
N ASP C 5 8.70 12.30 -8.67
CA ASP C 5 7.33 12.53 -8.24
C ASP C 5 6.76 11.25 -7.65
N LYS C 6 6.85 10.16 -8.40
CA LYS C 6 6.32 8.87 -7.98
C LYS C 6 7.01 8.33 -6.72
N VAL C 7 8.32 8.45 -6.67
CA VAL C 7 9.09 7.97 -5.52
C VAL C 7 8.73 8.76 -4.27
N LYS C 8 8.61 10.07 -4.42
CA LYS C 8 8.30 10.93 -3.30
C LYS C 8 6.97 10.55 -2.65
N LYS C 9 5.96 10.29 -3.48
CA LYS C 9 4.64 9.93 -2.97
C LYS C 9 4.65 8.52 -2.35
N GLU C 10 5.36 7.61 -2.99
CA GLU C 10 5.46 6.22 -2.52
C GLU C 10 6.15 6.16 -1.14
N VAL C 11 7.28 6.86 -1.03
CA VAL C 11 8.01 6.88 0.22
C VAL C 11 7.20 7.66 1.27
N GLY C 12 6.44 8.64 0.79
CA GLY C 12 5.63 9.44 1.68
C GLY C 12 4.55 8.62 2.37
N ARG C 13 3.82 7.84 1.59
CA ARG C 13 2.76 7.00 2.14
C ARG C 13 3.32 6.04 3.20
N ALA C 14 4.47 5.45 2.91
CA ALA C 14 5.10 4.50 3.82
C ALA C 14 5.55 5.16 5.10
N SER C 15 6.16 6.34 4.98
CA SER C 15 6.62 7.03 6.17
C SER C 15 5.47 7.43 7.08
N TRP C 16 4.37 7.90 6.51
CA TRP C 16 3.21 8.31 7.31
C TRP C 16 2.58 7.13 8.03
N LYS C 17 2.50 5.98 7.35
CA LYS C 17 1.94 4.77 7.94
C LYS C 17 2.73 4.44 9.21
N TYR C 18 4.06 4.41 9.08
CA TYR C 18 4.98 4.14 10.19
C TYR C 18 4.85 5.24 11.27
N PHE C 19 4.97 6.48 10.82
CA PHE C 19 4.88 7.66 11.68
C PHE C 19 3.64 7.64 12.60
N HIS C 20 2.46 7.49 12.02
CA HIS C 20 1.22 7.49 12.80
C HIS C 20 1.05 6.26 13.69
N THR C 21 1.65 5.14 13.28
CA THR C 21 1.55 3.92 14.07
C THR C 21 2.46 4.07 15.31
N LEU C 22 3.62 4.68 15.10
CA LEU C 22 4.59 4.90 16.17
C LEU C 22 4.00 5.80 17.24
N LEU C 23 3.30 6.85 16.83
CA LEU C 23 2.71 7.78 17.79
C LEU C 23 1.55 7.15 18.54
N ALA C 24 0.76 6.33 17.85
CA ALA C 24 -0.39 5.68 18.48
C ALA C 24 0.03 4.60 19.47
N ARG C 25 1.30 4.21 19.44
CA ARG C 25 1.79 3.19 20.36
C ARG C 25 2.53 3.79 21.58
N PHE C 26 2.70 5.12 21.58
CA PHE C 26 3.37 5.83 22.68
C PHE C 26 2.56 5.63 23.98
N PRO C 27 3.22 5.69 25.15
CA PRO C 27 2.49 5.48 26.41
C PRO C 27 1.39 6.50 26.75
N ASP C 28 0.37 6.04 27.46
CA ASP C 28 -0.71 6.94 27.88
C ASP C 28 -0.18 7.90 28.92
N GLU C 29 0.70 7.41 29.78
CA GLU C 29 1.32 8.22 30.83
C GLU C 29 2.84 8.02 30.74
N PRO C 30 3.48 8.69 29.77
CA PRO C 30 4.93 8.60 29.55
C PRO C 30 5.77 9.26 30.62
N THR C 31 6.91 8.67 30.92
CA THR C 31 7.84 9.23 31.91
C THR C 31 8.54 10.38 31.20
N PRO C 32 9.20 11.28 31.97
CA PRO C 32 9.89 12.37 31.26
C PRO C 32 10.94 11.86 30.28
N GLU C 33 11.57 10.73 30.60
CA GLU C 33 12.60 10.14 29.73
C GLU C 33 11.98 9.71 28.39
N GLU C 34 10.76 9.17 28.43
CA GLU C 34 10.08 8.74 27.22
C GLU C 34 9.65 9.94 26.39
N ARG C 35 9.23 11.01 27.07
CA ARG C 35 8.81 12.21 26.36
C ARG C 35 10.02 12.82 25.67
N GLU C 36 11.17 12.74 26.34
CA GLU C 36 12.41 13.28 25.78
C GLU C 36 12.80 12.48 24.55
N LYS C 37 12.69 11.15 24.64
CA LYS C 37 13.01 10.30 23.50
C LYS C 37 12.15 10.66 22.30
N LEU C 38 10.85 10.82 22.51
CA LEU C 38 9.97 11.16 21.41
C LEU C 38 10.31 12.53 20.85
N HIS C 39 10.59 13.49 21.72
CA HIS C 39 10.92 14.83 21.25
C HIS C 39 12.18 14.79 20.37
N THR C 40 13.23 14.12 20.84
CA THR C 40 14.48 14.01 20.10
C THR C 40 14.28 13.26 18.77
N PHE C 41 13.50 12.19 18.80
CA PHE C 41 13.23 11.40 17.61
C PHE C 41 12.56 12.23 16.50
N ILE C 42 11.53 12.99 16.87
CA ILE C 42 10.83 13.81 15.88
C ILE C 42 11.78 14.81 15.22
N GLY C 43 12.68 15.39 16.00
CA GLY C 43 13.63 16.33 15.43
C GLY C 43 14.50 15.67 14.38
N LEU C 44 14.98 14.47 14.68
CA LEU C 44 15.84 13.71 13.76
C LEU C 44 15.02 13.23 12.56
N TYR C 45 13.79 12.81 12.82
CA TYR C 45 12.88 12.34 11.78
C TYR C 45 12.72 13.44 10.73
N ALA C 46 12.53 14.67 11.19
CA ALA C 46 12.36 15.81 10.28
C ALA C 46 13.66 16.09 9.50
N GLU C 47 14.76 16.26 10.22
CA GLU C 47 16.05 16.56 9.62
C GLU C 47 16.56 15.51 8.64
N LEU C 48 16.32 14.24 8.95
CA LEU C 48 16.78 13.15 8.12
C LEU C 48 15.79 12.63 7.07
N TYR C 49 14.63 13.25 6.95
CA TYR C 49 13.66 12.76 5.97
C TYR C 49 14.27 12.78 4.56
N PRO C 50 14.16 11.66 3.82
CA PRO C 50 14.68 11.45 2.45
C PRO C 50 14.02 12.26 1.33
N CYS C 51 14.02 13.58 1.46
CA CYS C 51 13.42 14.47 0.46
C CYS C 51 13.67 15.90 0.91
N GLY C 52 14.50 16.62 0.16
CA GLY C 52 14.85 17.98 0.49
C GLY C 52 13.72 18.95 0.84
N GLU C 53 12.80 19.16 -0.09
CA GLU C 53 11.70 20.08 0.17
C GLU C 53 10.87 19.61 1.36
N CYS C 54 10.67 18.30 1.45
CA CYS C 54 9.87 17.72 2.54
C CYS C 54 10.52 18.03 3.88
N SER C 55 11.80 17.70 4.00
CA SER C 55 12.56 17.93 5.23
C SER C 55 12.55 19.42 5.59
N TYR C 56 12.80 20.26 4.59
CA TYR C 56 12.79 21.71 4.81
C TYR C 56 11.48 22.14 5.45
N HIS C 57 10.37 21.70 4.87
CA HIS C 57 9.04 22.06 5.38
C HIS C 57 8.73 21.45 6.73
N PHE C 58 9.06 20.18 6.91
CA PHE C 58 8.76 19.53 8.17
C PHE C 58 9.54 20.08 9.36
N VAL C 59 10.78 20.48 9.12
CA VAL C 59 11.60 21.05 10.19
C VAL C 59 10.97 22.35 10.66
N LYS C 60 10.44 23.13 9.74
CA LYS C 60 9.82 24.39 10.10
C LYS C 60 8.49 24.13 10.81
N LEU C 61 7.76 23.12 10.35
CA LEU C 61 6.47 22.80 10.96
C LEU C 61 6.58 22.32 12.41
N ILE C 62 7.55 21.46 12.71
CA ILE C 62 7.69 20.99 14.08
C ILE C 62 8.26 22.10 14.95
N GLU C 63 8.98 23.03 14.31
CA GLU C 63 9.55 24.16 15.02
C GLU C 63 8.37 25.02 15.48
N LYS C 64 7.41 25.20 14.59
CA LYS C 64 6.22 26.01 14.88
C LYS C 64 5.21 25.23 15.71
N TYR C 65 5.18 23.91 15.54
CA TYR C 65 4.26 23.06 16.29
C TYR C 65 5.01 21.89 16.90
N PRO C 66 5.70 22.13 18.04
CA PRO C 66 6.45 21.05 18.68
C PRO C 66 5.58 19.85 18.99
N VAL C 67 6.17 18.66 18.90
CA VAL C 67 5.42 17.45 19.16
C VAL C 67 4.88 17.47 20.58
N GLN C 68 3.62 17.11 20.73
CA GLN C 68 2.97 17.07 22.04
C GLN C 68 3.24 15.68 22.60
N THR C 69 4.08 15.61 23.62
CA THR C 69 4.46 14.35 24.23
C THR C 69 3.80 14.01 25.57
N SER C 70 2.81 14.79 26.00
CA SER C 70 2.17 14.52 27.29
C SER C 70 1.45 13.18 27.38
N SER C 71 1.04 12.63 26.24
CA SER C 71 0.34 11.35 26.26
C SER C 71 0.18 10.76 24.87
N ARG C 72 -0.18 9.48 24.84
CA ARG C 72 -0.41 8.77 23.60
C ARG C 72 -1.42 9.54 22.74
N THR C 73 -2.55 9.91 23.35
CA THR C 73 -3.59 10.63 22.63
C THR C 73 -3.10 12.00 22.15
N ALA C 74 -2.36 12.71 22.99
CA ALA C 74 -1.84 14.01 22.61
C ALA C 74 -0.81 13.91 21.50
N ALA C 75 0.03 12.87 21.55
CA ALA C 75 1.05 12.69 20.53
C ALA C 75 0.43 12.29 19.19
N ALA C 76 -0.53 11.37 19.23
CA ALA C 76 -1.19 10.92 18.01
C ALA C 76 -1.98 12.05 17.37
N MET C 77 -2.62 12.89 18.18
CA MET C 77 -3.41 14.01 17.69
C MET C 77 -2.48 15.00 17.01
N TRP C 78 -1.35 15.23 17.65
CA TRP C 78 -0.34 16.13 17.10
C TRP C 78 0.09 15.58 15.74
N GLY C 79 0.29 14.27 15.66
CA GLY C 79 0.71 13.67 14.40
C GLY C 79 -0.31 13.92 13.31
N CYS C 80 -1.59 13.76 13.65
CA CYS C 80 -2.66 13.97 12.69
C CYS C 80 -2.71 15.43 12.24
N HIS C 81 -2.53 16.33 13.21
CA HIS C 81 -2.56 17.76 12.94
C HIS C 81 -1.41 18.19 12.04
N ILE C 82 -0.20 17.75 12.36
CA ILE C 82 0.95 18.15 11.56
C ILE C 82 0.91 17.53 10.16
N HIS C 83 0.34 16.34 10.05
CA HIS C 83 0.23 15.72 8.74
C HIS C 83 -0.80 16.54 7.97
N ASN C 84 -1.78 17.09 8.68
CA ASN C 84 -2.78 17.92 8.00
C ASN C 84 -2.20 19.27 7.57
N LYS C 85 -1.14 19.71 8.22
CA LYS C 85 -0.52 20.98 7.82
C LYS C 85 0.20 20.73 6.49
N VAL C 86 0.73 19.53 6.32
CA VAL C 86 1.41 19.17 5.08
C VAL C 86 0.33 19.05 4.00
N ASN C 87 -0.81 18.45 4.34
CA ASN C 87 -1.91 18.30 3.38
C ASN C 87 -2.38 19.67 2.94
N GLU C 88 -2.41 20.59 3.90
CA GLU C 88 -2.84 21.95 3.63
C GLU C 88 -1.99 22.65 2.56
N TYR C 89 -0.67 22.67 2.74
CA TYR C 89 0.15 23.35 1.74
C TYR C 89 0.35 22.57 0.44
N LEU C 90 -0.10 21.31 0.41
CA LEU C 90 -0.01 20.51 -0.81
C LEU C 90 -1.39 20.48 -1.46
N LYS C 91 -2.31 21.24 -0.88
CA LYS C 91 -3.68 21.32 -1.39
C LYS C 91 -4.40 19.97 -1.37
N LYS C 92 -4.19 19.20 -0.30
CA LYS C 92 -4.83 17.89 -0.15
C LYS C 92 -5.96 18.01 0.88
N ASP C 93 -6.91 17.07 0.85
CA ASP C 93 -8.01 17.08 1.80
C ASP C 93 -7.53 17.02 3.25
N ILE C 94 -8.31 17.61 4.15
CA ILE C 94 -7.96 17.56 5.56
C ILE C 94 -8.55 16.27 6.12
N TYR C 95 -7.71 15.51 6.82
CA TYR C 95 -8.10 14.22 7.39
C TYR C 95 -8.71 14.35 8.79
N ASP C 96 -9.84 13.68 9.00
CA ASP C 96 -10.53 13.70 10.29
C ASP C 96 -9.70 12.95 11.33
N CYS C 97 -9.33 13.63 12.41
CA CYS C 97 -8.52 13.03 13.47
C CYS C 97 -9.33 12.31 14.55
N ALA C 98 -10.65 12.26 14.39
CA ALA C 98 -11.53 11.64 15.38
C ALA C 98 -11.21 10.22 15.83
N THR C 99 -10.65 9.41 14.95
CA THR C 99 -10.30 8.02 15.31
C THR C 99 -8.83 7.74 15.03
N ILE C 100 -7.99 8.74 15.24
CA ILE C 100 -6.56 8.64 14.98
C ILE C 100 -5.83 7.44 15.61
N LEU C 101 -6.27 7.01 16.80
CA LEU C 101 -5.62 5.88 17.46
C LEU C 101 -6.00 4.52 16.87
N GLU C 102 -7.30 4.28 16.70
CA GLU C 102 -7.74 3.00 16.13
C GLU C 102 -7.26 2.91 14.69
N ASP C 103 -7.30 4.04 13.98
CA ASP C 103 -6.86 4.10 12.59
C ASP C 103 -5.46 3.50 12.43
N TYR C 104 -4.61 3.67 13.43
CA TYR C 104 -3.26 3.15 13.34
C TYR C 104 -2.90 2.09 14.37
N ASP C 105 -3.85 1.19 14.59
CA ASP C 105 -3.70 0.05 15.49
C ASP C 105 -3.00 0.32 16.81
N CYS C 106 -3.55 1.22 17.62
CA CYS C 106 -2.97 1.57 18.91
C CYS C 106 -2.99 0.37 19.86
N GLY C 107 -3.88 -0.58 19.59
CA GLY C 107 -3.99 -1.74 20.46
C GLY C 107 -4.33 -1.23 21.84
N CYS C 108 -5.07 -0.12 21.87
CA CYS C 108 -5.47 0.51 23.12
C CYS C 108 -7.00 0.60 23.30
N LYS D 6 -1.18 -9.35 11.05
CA LYS D 6 -1.37 -8.57 9.78
C LYS D 6 -0.92 -7.13 9.95
N VAL D 7 -1.22 -6.54 11.10
CA VAL D 7 -0.83 -5.17 11.37
C VAL D 7 0.69 -5.08 11.36
N LYS D 8 1.32 -6.03 12.03
CA LYS D 8 2.77 -6.10 12.11
C LYS D 8 3.43 -6.15 10.74
N LYS D 9 2.77 -6.78 9.78
CA LYS D 9 3.31 -6.90 8.43
C LYS D 9 3.12 -5.63 7.60
N GLU D 10 1.95 -5.01 7.72
CA GLU D 10 1.66 -3.79 6.99
C GLU D 10 2.53 -2.65 7.49
N VAL D 11 2.64 -2.53 8.81
CA VAL D 11 3.47 -1.49 9.41
C VAL D 11 4.94 -1.75 9.09
N GLY D 12 5.34 -3.01 9.19
CA GLY D 12 6.72 -3.38 8.92
C GLY D 12 7.21 -3.05 7.52
N ARG D 13 6.43 -3.40 6.50
CA ARG D 13 6.80 -3.11 5.12
C ARG D 13 6.96 -1.60 4.90
N ALA D 14 6.02 -0.83 5.42
CA ALA D 14 6.08 0.62 5.27
C ALA D 14 7.32 1.17 5.94
N SER D 15 7.59 0.68 7.15
CA SER D 15 8.76 1.11 7.92
C SER D 15 10.07 0.80 7.20
N TRP D 16 10.18 -0.40 6.64
CA TRP D 16 11.38 -0.80 5.91
C TRP D 16 11.61 0.08 4.67
N LYS D 17 10.53 0.34 3.93
CA LYS D 17 10.60 1.18 2.74
C LYS D 17 11.19 2.52 3.15
N TYR D 18 10.61 3.13 4.19
CA TYR D 18 11.07 4.42 4.71
C TYR D 18 12.53 4.32 5.16
N PHE D 19 12.81 3.30 5.97
CA PHE D 19 14.13 3.03 6.53
C PHE D 19 15.25 3.02 5.49
N HIS D 20 15.12 2.16 4.50
CA HIS D 20 16.14 2.05 3.46
C HIS D 20 16.26 3.29 2.60
N THR D 21 15.16 3.98 2.37
CA THR D 21 15.22 5.19 1.55
C THR D 21 15.98 6.24 2.33
N LEU D 22 15.76 6.29 3.64
CA LEU D 22 16.42 7.26 4.51
C LEU D 22 17.93 7.08 4.46
N LEU D 23 18.37 5.83 4.52
CA LEU D 23 19.78 5.53 4.49
C LEU D 23 20.39 5.81 3.12
N ALA D 24 19.65 5.50 2.07
CA ALA D 24 20.13 5.71 0.71
C ALA D 24 20.22 7.20 0.37
N ARG D 25 19.59 8.04 1.19
CA ARG D 25 19.63 9.48 0.96
C ARG D 25 20.65 10.18 1.85
N PHE D 26 21.23 9.44 2.80
CA PHE D 26 22.24 9.99 3.69
C PHE D 26 23.42 10.46 2.81
N PRO D 27 24.10 11.54 3.20
CA PRO D 27 25.23 12.06 2.43
C PRO D 27 26.43 11.13 2.26
N ASP D 28 27.05 11.21 1.09
CA ASP D 28 28.22 10.39 0.78
C ASP D 28 29.37 10.82 1.66
N GLU D 29 29.34 12.10 2.07
CA GLU D 29 30.37 12.67 2.90
C GLU D 29 29.74 13.41 4.07
N PRO D 30 29.22 12.66 5.06
CA PRO D 30 28.57 13.25 6.22
C PRO D 30 29.56 13.97 7.14
N THR D 31 29.08 15.01 7.81
CA THR D 31 29.90 15.76 8.75
C THR D 31 29.85 14.97 10.04
N PRO D 32 30.69 15.34 11.02
CA PRO D 32 30.67 14.61 12.28
C PRO D 32 29.31 14.70 12.99
N GLU D 33 28.64 15.85 12.86
CA GLU D 33 27.35 16.00 13.51
C GLU D 33 26.27 15.16 12.81
N GLU D 34 26.38 15.01 11.50
CA GLU D 34 25.41 14.22 10.75
C GLU D 34 25.56 12.74 11.06
N ARG D 35 26.80 12.27 11.19
CA ARG D 35 27.03 10.87 11.51
C ARG D 35 26.44 10.61 12.89
N GLU D 36 26.63 11.56 13.77
CA GLU D 36 26.14 11.46 15.13
C GLU D 36 24.61 11.50 15.15
N LYS D 37 24.02 12.35 14.33
CA LYS D 37 22.56 12.42 14.28
C LYS D 37 21.99 11.09 13.80
N LEU D 38 22.64 10.47 12.81
CA LEU D 38 22.15 9.19 12.30
C LEU D 38 22.31 8.09 13.34
N HIS D 39 23.40 8.13 14.10
CA HIS D 39 23.63 7.12 15.13
C HIS D 39 22.53 7.19 16.18
N THR D 40 22.23 8.41 16.64
CA THR D 40 21.21 8.64 17.65
C THR D 40 19.83 8.25 17.12
N PHE D 41 19.57 8.59 15.84
CA PHE D 41 18.30 8.28 15.21
C PHE D 41 18.04 6.77 15.19
N ILE D 42 19.03 6.00 14.78
CA ILE D 42 18.89 4.56 14.71
C ILE D 42 18.53 4.01 16.10
N GLY D 43 19.17 4.56 17.13
CA GLY D 43 18.88 4.11 18.49
C GLY D 43 17.42 4.32 18.88
N LEU D 44 16.91 5.51 18.58
CA LEU D 44 15.53 5.84 18.90
C LEU D 44 14.57 5.12 17.97
N TYR D 45 14.98 4.90 16.72
CA TYR D 45 14.14 4.18 15.76
C TYR D 45 13.84 2.80 16.33
N ALA D 46 14.87 2.15 16.86
CA ALA D 46 14.74 0.82 17.43
C ALA D 46 13.88 0.86 18.69
N GLU D 47 14.23 1.76 19.61
CA GLU D 47 13.52 1.90 20.88
C GLU D 47 12.05 2.24 20.77
N LEU D 48 11.70 3.04 19.76
CA LEU D 48 10.33 3.46 19.61
C LEU D 48 9.54 2.68 18.57
N TYR D 49 10.12 1.65 17.99
CA TYR D 49 9.41 0.89 16.97
C TYR D 49 8.08 0.37 17.52
N PRO D 50 6.97 0.55 16.76
CA PRO D 50 5.58 0.17 17.05
C PRO D 50 5.24 -1.32 17.18
N CYS D 51 5.98 -2.04 18.01
CA CYS D 51 5.74 -3.48 18.24
C CYS D 51 6.76 -3.94 19.28
N GLY D 52 6.26 -4.38 20.44
CA GLY D 52 7.11 -4.82 21.52
C GLY D 52 8.23 -5.79 21.19
N GLU D 53 7.87 -6.97 20.71
CA GLU D 53 8.87 -7.98 20.37
C GLU D 53 9.82 -7.51 19.27
N CYS D 54 9.29 -6.75 18.31
CA CYS D 54 10.13 -6.23 17.22
C CYS D 54 11.16 -5.25 17.77
N SER D 55 10.69 -4.29 18.56
CA SER D 55 11.58 -3.29 19.16
C SER D 55 12.65 -3.97 20.02
N TYR D 56 12.22 -4.85 20.92
CA TYR D 56 13.15 -5.56 21.79
C TYR D 56 14.28 -6.21 21.01
N HIS D 57 13.91 -6.98 19.99
CA HIS D 57 14.90 -7.69 19.18
C HIS D 57 15.74 -6.77 18.30
N PHE D 58 15.13 -5.72 17.77
CA PHE D 58 15.91 -4.82 16.91
C PHE D 58 16.95 -4.07 17.75
N VAL D 59 16.57 -3.70 18.97
CA VAL D 59 17.50 -2.99 19.85
C VAL D 59 18.74 -3.86 20.07
N LYS D 60 18.52 -5.15 20.31
CA LYS D 60 19.64 -6.06 20.52
C LYS D 60 20.47 -6.14 19.23
N LEU D 61 19.80 -6.14 18.09
CA LEU D 61 20.48 -6.20 16.79
C LEU D 61 21.41 -5.02 16.52
N ILE D 62 20.95 -3.80 16.77
CA ILE D 62 21.79 -2.64 16.51
C ILE D 62 22.91 -2.50 17.53
N GLU D 63 22.79 -3.19 18.66
CA GLU D 63 23.82 -3.15 19.68
C GLU D 63 24.92 -4.11 19.28
N LYS D 64 24.53 -5.18 18.60
CA LYS D 64 25.46 -6.19 18.13
C LYS D 64 26.08 -5.70 16.82
N TYR D 65 25.29 -4.97 16.05
CA TYR D 65 25.75 -4.45 14.76
C TYR D 65 25.43 -2.96 14.66
N PRO D 66 26.24 -2.11 15.31
CA PRO D 66 26.00 -0.68 15.26
C PRO D 66 25.92 -0.15 13.83
N VAL D 67 25.14 0.90 13.63
CA VAL D 67 24.99 1.50 12.31
C VAL D 67 26.31 2.09 11.85
N GLN D 68 26.67 1.84 10.60
CA GLN D 68 27.89 2.38 10.02
C GLN D 68 27.51 3.72 9.40
N THR D 69 28.06 4.79 9.96
CA THR D 69 27.73 6.15 9.51
C THR D 69 28.79 6.92 8.73
N SER D 70 29.89 6.27 8.35
CA SER D 70 30.94 6.96 7.62
C SER D 70 30.47 7.51 6.27
N SER D 71 29.49 6.83 5.66
CA SER D 71 28.96 7.30 4.37
C SER D 71 27.64 6.66 4.00
N ARG D 72 27.05 7.17 2.92
CA ARG D 72 25.78 6.68 2.39
C ARG D 72 25.89 5.18 2.09
N THR D 73 26.91 4.82 1.32
CA THR D 73 27.13 3.43 0.94
C THR D 73 27.21 2.49 2.12
N ALA D 74 27.98 2.86 3.14
CA ALA D 74 28.14 2.02 4.32
C ALA D 74 26.84 1.94 5.11
N ALA D 75 26.16 3.08 5.25
CA ALA D 75 24.90 3.14 5.98
C ALA D 75 23.85 2.28 5.28
N ALA D 76 23.79 2.39 3.95
CA ALA D 76 22.83 1.63 3.17
C ALA D 76 23.11 0.13 3.21
N MET D 77 24.38 -0.26 3.17
CA MET D 77 24.73 -1.67 3.22
C MET D 77 24.44 -2.19 4.62
N TRP D 78 24.68 -1.37 5.63
CA TRP D 78 24.40 -1.76 7.01
C TRP D 78 22.91 -2.05 7.13
N GLY D 79 22.11 -1.17 6.54
CA GLY D 79 20.67 -1.30 6.57
C GLY D 79 20.18 -2.58 5.92
N CYS D 80 20.83 -2.99 4.84
CA CYS D 80 20.43 -4.21 4.16
C CYS D 80 20.87 -5.41 4.99
N HIS D 81 22.04 -5.31 5.60
CA HIS D 81 22.56 -6.38 6.43
C HIS D 81 21.68 -6.59 7.67
N ILE D 82 21.30 -5.49 8.31
CA ILE D 82 20.47 -5.56 9.51
C ILE D 82 19.07 -6.10 9.19
N HIS D 83 18.49 -5.66 8.08
CA HIS D 83 17.17 -6.12 7.68
C HIS D 83 17.23 -7.63 7.39
N ASN D 84 18.38 -8.11 6.90
CA ASN D 84 18.49 -9.54 6.63
C ASN D 84 18.58 -10.34 7.93
N LYS D 85 19.06 -9.69 8.99
CA LYS D 85 19.16 -10.37 10.28
C LYS D 85 17.74 -10.65 10.73
N VAL D 86 16.84 -9.69 10.49
CA VAL D 86 15.43 -9.86 10.86
C VAL D 86 14.79 -10.92 9.96
N ASN D 87 15.14 -10.93 8.68
CA ASN D 87 14.58 -11.93 7.76
C ASN D 87 14.90 -13.32 8.26
N GLU D 88 16.17 -13.54 8.59
CA GLU D 88 16.63 -14.83 9.09
C GLU D 88 15.94 -15.20 10.40
N TYR D 89 15.77 -14.22 11.28
CA TYR D 89 15.12 -14.43 12.57
C TYR D 89 13.69 -14.87 12.33
N LEU D 90 13.12 -14.44 11.20
CA LEU D 90 11.76 -14.78 10.85
C LEU D 90 11.64 -15.88 9.79
N LYS D 91 12.77 -16.50 9.45
CA LYS D 91 12.77 -17.56 8.44
C LYS D 91 12.21 -17.06 7.12
N LYS D 92 12.59 -15.85 6.75
CA LYS D 92 12.14 -15.26 5.49
C LYS D 92 13.32 -15.36 4.54
N ASP D 93 13.06 -15.36 3.24
CA ASP D 93 14.14 -15.45 2.26
C ASP D 93 15.15 -14.32 2.47
N ILE D 94 16.40 -14.58 2.09
CA ILE D 94 17.46 -13.60 2.22
C ILE D 94 17.58 -12.72 0.97
N TYR D 95 17.50 -11.41 1.18
CA TYR D 95 17.56 -10.41 0.11
C TYR D 95 19.00 -10.10 -0.27
N ASP D 96 19.29 -10.01 -1.56
CA ASP D 96 20.64 -9.69 -2.01
C ASP D 96 20.87 -8.19 -1.97
N CYS D 97 21.92 -7.79 -1.27
CA CYS D 97 22.25 -6.39 -1.08
C CYS D 97 23.00 -5.70 -2.23
N ALA D 98 23.34 -6.45 -3.27
CA ALA D 98 24.09 -5.92 -4.42
C ALA D 98 23.67 -4.51 -4.86
N THR D 99 22.39 -4.32 -5.16
CA THR D 99 21.89 -3.03 -5.62
C THR D 99 21.04 -2.32 -4.57
N ILE D 100 21.53 -2.28 -3.34
CA ILE D 100 20.82 -1.64 -2.24
C ILE D 100 20.61 -0.13 -2.41
N LEU D 101 21.62 0.57 -2.90
CA LEU D 101 21.50 2.01 -3.12
C LEU D 101 20.55 2.28 -4.27
N GLU D 102 20.57 1.38 -5.26
CA GLU D 102 19.72 1.47 -6.44
C GLU D 102 18.29 1.07 -6.14
N ASP D 103 18.10 0.05 -5.30
CA ASP D 103 16.78 -0.43 -4.95
C ASP D 103 15.93 0.65 -4.29
N TYR D 104 16.57 1.66 -3.69
CA TYR D 104 15.84 2.74 -3.02
C TYR D 104 16.25 4.16 -3.45
N ASP D 105 16.15 4.40 -4.74
CA ASP D 105 16.48 5.68 -5.37
C ASP D 105 17.25 6.70 -4.51
N CYS D 106 18.57 6.58 -4.49
CA CYS D 106 19.38 7.52 -3.71
C CYS D 106 19.47 8.88 -4.37
N GLY D 107 18.59 9.13 -5.33
CA GLY D 107 18.61 10.40 -6.02
C GLY D 107 19.99 10.57 -6.62
N CYS D 108 20.80 9.53 -6.43
CA CYS D 108 22.18 9.48 -6.92
C CYS D 108 22.32 10.10 -8.31
PA FAD E . -8.07 7.14 -5.36
O1A FAD E . -8.92 8.05 -6.17
O2A FAD E . -8.33 5.94 -4.48
O5B FAD E . -6.57 6.93 -5.73
C5B FAD E . -5.75 5.86 -6.16
C4B FAD E . -4.54 6.74 -6.43
O4B FAD E . -4.32 6.42 -7.83
C3B FAD E . -4.10 8.21 -6.20
O3B FAD E . -3.43 8.00 -4.95
C2B FAD E . -3.20 8.46 -7.32
O2B FAD E . -1.90 7.96 -7.16
C1B FAD E . -3.86 7.63 -8.44
N9A FAD E . -4.81 8.27 -9.31
C8A FAD E . -5.74 9.33 -9.19
N7A FAD E . -6.52 9.69 -10.17
C5A FAD E . -6.00 8.82 -11.13
C6A FAD E . -6.26 8.67 -12.51
N6A FAD E . -7.21 9.49 -13.01
N1A FAD E . -5.59 7.73 -13.28
C2A FAD E . -4.62 6.92 -12.77
N3A FAD E . -4.34 7.02 -11.40
C4A FAD E . -5.06 8.01 -10.66
N1 FAD E . -16.43 6.60 -3.94
C2 FAD E . -17.55 7.33 -3.62
O2 FAD E . -17.58 7.86 -2.50
N3 FAD E . -18.47 7.37 -4.65
C4 FAD E . -18.33 6.74 -5.91
O4 FAD E . -19.23 6.83 -6.81
C4X FAD E . -17.18 5.98 -6.13
N5 FAD E . -16.99 5.18 -7.30
C5X FAD E . -15.91 4.30 -7.59
C6 FAD E . -15.94 3.48 -8.75
C7 FAD E . -14.83 2.62 -8.99
C7M FAD E . -14.94 1.74 -10.22
C8 FAD E . -13.72 2.58 -8.09
C8M FAD E . -12.45 1.74 -8.15
C9 FAD E . -13.74 3.39 -6.94
C9A FAD E . -14.82 4.27 -6.60
N10 FAD E . -15.09 5.16 -5.44
C10 FAD E . -16.19 5.91 -5.11
C1' FAD E . -13.98 5.36 -4.56
C2' FAD E . -12.98 6.45 -4.78
O2' FAD E . -12.76 6.70 -6.20
C3' FAD E . -11.59 6.48 -4.21
O3' FAD E . -10.94 5.24 -4.49
C4' FAD E . -11.46 6.77 -2.73
O4' FAD E . -12.35 7.81 -2.22
C5' FAD E . -10.19 7.02 -2.04
O5' FAD E . -9.55 8.11 -2.72
P FAD E . -8.02 8.43 -2.67
O1P FAD E . -8.01 9.89 -2.61
O2P FAD E . -7.32 7.74 -1.56
O3P FAD E . -7.54 8.08 -4.18
PA FAD F . -1.60 -11.94 -0.30
O1A FAD F . -1.51 -13.39 -0.62
O2A FAD F . -1.40 -10.73 -1.19
O5B FAD F . -2.37 -11.25 0.87
C5B FAD F . -3.70 -10.75 0.95
C4B FAD F . -3.85 -10.43 2.42
O4B FAD F . -5.19 -10.99 2.38
C3B FAD F . -3.17 -11.07 3.67
O3B FAD F . -2.17 -10.24 4.25
C2B FAD F . -4.25 -11.54 4.54
O2B FAD F . -4.69 -10.49 5.35
C1B FAD F . -5.28 -11.93 3.46
N9A FAD F . -5.40 -13.26 2.93
C8A FAD F . -4.48 -14.30 2.64
N7A FAD F . -4.92 -15.44 2.17
C5A FAD F . -6.29 -15.18 2.13
C6A FAD F . -7.42 -15.96 1.77
N6A FAD F . -7.10 -17.24 1.48
N1A FAD F . -8.72 -15.49 1.81
C2A FAD F . -8.96 -14.20 2.17
N3A FAD F . -7.87 -13.37 2.52
C4A FAD F . -6.55 -13.94 2.51
N1 FAD F . 2.41 -14.35 -7.17
C2 FAD F . 3.42 -15.18 -7.62
O2 FAD F . 4.55 -14.91 -7.22
N3 FAD F . 2.92 -16.13 -8.50
C4 FAD F . 1.57 -16.37 -8.84
O4 FAD F . 1.37 -17.34 -9.65
C4X FAD F . 0.62 -15.52 -8.31
N5 FAD F . -0.78 -15.54 -8.63
C5X FAD F . -1.80 -14.62 -8.28
C6 FAD F . -3.13 -14.74 -8.74
C7 FAD F . -4.09 -13.75 -8.39
C7M FAD F . -5.51 -13.91 -8.93
C8 FAD F . -3.70 -12.64 -7.58
C8M FAD F . -4.48 -11.48 -6.99
C9 FAD F . -2.37 -12.53 -7.14
C9A FAD F . -1.36 -13.46 -7.46
N10 FAD F . 0.07 -13.56 -7.08
C10 FAD F . 1.06 -14.44 -7.48
C1' FAD F . 0.49 -12.74 -5.99
C2' FAD F . 0.36 -13.19 -4.57
O2' FAD F . -0.83 -14.02 -4.41
C3' FAD F . 0.40 -12.19 -3.46
O3' FAD F . -0.60 -11.21 -3.70
C4' FAD F . 1.73 -11.56 -3.06
O4' FAD F . 2.93 -12.36 -3.17
C5' FAD F . 1.77 -10.73 -1.85
O5' FAD F . 1.68 -11.67 -0.77
P FAD F . 1.16 -11.33 0.67
O1P FAD F . 1.94 -12.14 1.59
O2P FAD F . 1.30 -9.87 0.92
O3P FAD F . -0.39 -11.80 0.73
PA FAD G . -0.42 10.72 2.35
O1A FAD G . -0.45 12.19 2.61
O2A FAD G . 0.80 9.94 1.97
O5B FAD G . -1.22 9.62 3.12
C5B FAD G . -1.17 8.54 4.03
C4B FAD G . -2.62 8.11 4.01
O4B FAD G . -2.75 8.29 5.45
C3B FAD G . -3.94 8.66 3.39
O3B FAD G . -4.28 8.04 2.15
C2B FAD G . -4.89 8.57 4.50
O2B FAD G . -5.46 7.31 4.72
C1B FAD G . -4.00 8.97 5.68
N9A FAD G . -3.90 10.31 6.16
C8A FAD G . -4.00 11.58 5.53
N7A FAD G . -3.93 12.66 6.24
C5A FAD G . -3.71 12.16 7.53
C6A FAD G . -3.58 12.74 8.80
N6A FAD G . -3.71 14.07 8.92
N1A FAD G . -3.42 11.88 9.89
C2A FAD G . -3.43 10.52 9.83
N3A FAD G . -3.52 9.97 8.54
C4A FAD G . -3.69 10.84 7.43
N1 FAD G . 5.52 15.94 -0.59
C2 FAD G . 5.70 17.06 -1.38
O2 FAD G . 5.44 17.08 -2.60
N3 FAD G . 6.18 18.12 -0.63
C4 FAD G . 6.44 18.09 0.76
O4 FAD G . 6.98 19.17 1.17
C4X FAD G . 6.22 16.94 1.50
N5 FAD G . 6.55 16.75 2.88
C5X FAD G . 6.49 15.55 3.62
C6 FAD G . 6.95 15.49 4.96
C7 FAD G . 6.92 14.24 5.65
C7M FAD G . 7.50 14.22 7.07
C8 FAD G . 6.39 13.06 5.03
C8M FAD G . 6.18 11.67 5.60
C9 FAD G . 5.95 13.16 3.69
C9A FAD G . 6.01 14.34 2.92
N10 FAD G . 5.59 14.67 1.53
C10 FAD G . 5.74 15.81 0.76
C1' FAD G . 4.81 13.68 0.87
C2' FAD G . 3.32 13.71 0.98
O2' FAD G . 2.94 14.29 2.27
C3' FAD G . 2.61 12.48 0.50
O3' FAD G . 2.94 11.41 1.38
C4' FAD G . 2.37 12.04 -0.93
O4' FAD G . 2.02 13.20 -1.74
C5' FAD G . 1.27 11.08 -1.17
O5' FAD G . -0.05 11.50 -0.81
P FAD G . -1.18 10.46 -0.55
O1P FAD G . -2.21 11.34 -1.11
O2P FAD G . -0.97 9.08 -1.03
O3P FAD G . -1.35 10.54 1.06
PA FAD H . 9.79 -7.04 4.72
O1A FAD H . 10.84 -7.81 5.47
O2A FAD H . 8.62 -6.21 5.18
O5B FAD H . 10.11 -6.37 3.34
C5B FAD H . 10.18 -5.10 2.73
C4B FAD H . 10.28 -5.47 1.27
O4B FAD H . 11.61 -4.89 1.24
C3B FAD H . 10.37 -6.83 0.53
O3B FAD H . 9.08 -7.19 0.01
C2B FAD H . 11.62 -6.77 -0.23
O2B FAD H . 11.43 -6.08 -1.42
C1B FAD H . 12.50 -5.83 0.62
N9A FAD H . 13.59 -6.20 1.46
C8A FAD H . 13.73 -7.43 2.17
N7A FAD H . 14.85 -7.68 2.81
C5A FAD H . 15.56 -6.52 2.50
C6A FAD H . 16.86 -6.15 2.86
N6A FAD H . 17.53 -7.03 3.62
N1A FAD H . 17.35 -4.91 2.45
C2A FAD H . 16.67 -4.05 1.65
N3A FAD H . 15.34 -4.43 1.32
C4A FAD H . 14.84 -5.68 1.77
N1 FAD H . 8.15 -8.95 12.72
C2 FAD H . 8.12 -10.00 13.61
O2 FAD H . 7.26 -10.90 13.64
N3 FAD H . 9.14 -9.95 14.55
C4 FAD H . 10.14 -8.96 14.64
O4 FAD H . 10.93 -9.03 15.64
C4X FAD H . 10.12 -7.94 13.70
N5 FAD H . 11.05 -6.87 13.76
C5X FAD H . 11.01 -5.71 12.95
C6 FAD H . 11.93 -4.66 13.18
C7 FAD H . 11.89 -3.52 12.34
C7M FAD H . 12.94 -2.47 12.66
C8 FAD H . 10.93 -3.41 11.29
C8M FAD H . 10.60 -2.40 10.21
C9 FAD H . 10.00 -4.44 11.10
C9A FAD H . 9.98 -5.63 11.88
N10 FAD H . 9.16 -6.88 11.83
C10 FAD H . 9.09 -7.94 12.70
C1' FAD H . 8.35 -7.04 10.68
C2' FAD H . 8.89 -7.70 9.45
O2' FAD H . 10.31 -7.46 9.32
C3' FAD H . 8.23 -7.54 8.11
O3' FAD H . 8.06 -6.18 7.76
C4' FAD H . 6.92 -8.25 7.84
O4' FAD H . 6.83 -9.62 8.34
C5' FAD H . 6.49 -8.30 6.43
O5' FAD H . 7.33 -9.12 5.60
P FAD H . 7.48 -8.91 4.05
O1P FAD H . 7.57 -10.28 3.51
O2P FAD H . 6.18 -8.35 3.57
O3P FAD H . 8.86 -8.10 3.95
#